data_7V17
#
_entry.id   7V17
#
_cell.length_a   59.370
_cell.length_b   59.580
_cell.length_c   66.790
_cell.angle_alpha   90.000
_cell.angle_beta   90.000
_cell.angle_gamma   90.000
#
_symmetry.space_group_name_H-M   'P 21 21 21'
#
loop_
_entity.id
_entity.type
_entity.pdbx_description
1 polymer 'Coagulation factor XIa light chain'
2 non-polymer 'CITRIC ACID'
3 non-polymer 5-[3-chloranyl-2-fluoranyl-6-(1,2,3,4-tetrazol-1-yl)phenyl]-2-[(1~{R})-2-cyclopropyl-1-[4-(3-methylimidazol-4-yl)pyrazol-1-yl]ethyl]-1-oxidanyl-pyridine
4 water water
#
_entity_poly.entity_id   1
_entity_poly.type   'polypeptide(L)'
_entity_poly.pdbx_seq_one_letter_code
;IVGGTASVRGEWPWQVTLHTTSPTQRHLCGGSIIGNQWILTAAHCFYGVESPKILRVYSGILNQSEIKEDTSFFGVQEII
IHDQYKMAESGYDIALLKLETTVNYTDSQRPISLPSKGDRNVIYTDCWVTGWGYRKLRDKIQNTLQKAKIPLVTNEECQK
RYRGHKITHKMICAGYREGGKDACKGDSGGPLSCKHNEVWHLVGITSWGEGCAQRERPGVYTNVVEYVDWILEKTQAV
;
_entity_poly.pdbx_strand_id   A
#
# COMPACT_ATOMS: atom_id res chain seq x y z
N ILE A 1 -8.93 -7.03 2.04
CA ILE A 1 -9.54 -6.80 0.72
C ILE A 1 -10.97 -7.34 0.71
N VAL A 2 -11.95 -6.48 0.43
CA VAL A 2 -13.34 -6.90 0.28
C VAL A 2 -13.58 -7.30 -1.16
N GLY A 3 -14.29 -8.41 -1.36
CA GLY A 3 -14.67 -8.84 -2.69
C GLY A 3 -13.53 -9.34 -3.54
N GLY A 4 -12.41 -9.72 -2.92
CA GLY A 4 -11.25 -10.19 -3.64
C GLY A 4 -11.17 -11.70 -3.68
N THR A 5 -10.03 -12.18 -4.16
CA THR A 5 -9.76 -13.61 -4.28
C THR A 5 -8.32 -13.86 -3.88
N ALA A 6 -8.02 -15.12 -3.58
CA ALA A 6 -6.69 -15.46 -3.12
C ALA A 6 -5.69 -15.30 -4.23
N SER A 7 -4.51 -14.79 -3.89
CA SER A 7 -3.38 -14.78 -4.81
C SER A 7 -2.66 -16.12 -4.76
N VAL A 8 -1.75 -16.32 -5.71
CA VAL A 8 -0.91 -17.51 -5.73
C VAL A 8 0.53 -17.07 -5.49
N ARG A 9 1.37 -18.06 -5.16
CA ARG A 9 2.77 -17.79 -4.89
C ARG A 9 3.43 -17.07 -6.07
N GLY A 10 4.16 -16.01 -5.75
CA GLY A 10 4.90 -15.27 -6.76
C GLY A 10 4.10 -14.22 -7.50
N GLU A 11 2.80 -14.08 -7.22
CA GLU A 11 1.94 -13.27 -8.06
C GLU A 11 2.18 -11.77 -7.89
N TRP A 12 2.50 -11.32 -6.68
CA TRP A 12 2.68 -9.91 -6.36
C TRP A 12 4.00 -9.72 -5.65
N PRO A 13 5.13 -9.88 -6.35
CA PRO A 13 6.40 -10.05 -5.63
C PRO A 13 6.96 -8.78 -5.03
N TRP A 14 6.37 -7.61 -5.30
CA TRP A 14 6.75 -6.40 -4.61
C TRP A 14 6.00 -6.19 -3.29
N GLN A 15 4.98 -7.00 -3.01
CA GLN A 15 4.18 -6.86 -1.80
C GLN A 15 4.94 -7.40 -0.59
N VAL A 16 5.02 -6.59 0.45
CA VAL A 16 5.60 -7.07 1.70
C VAL A 16 4.54 -6.96 2.80
N THR A 17 4.78 -7.71 3.88
CA THR A 17 4.01 -7.57 5.10
C THR A 17 4.92 -6.98 6.18
N LEU A 18 4.54 -5.82 6.69
CA LEU A 18 5.26 -5.15 7.77
C LEU A 18 4.69 -5.63 9.09
N HIS A 19 5.53 -6.24 9.93
CA HIS A 19 5.10 -6.69 11.24
C HIS A 19 5.62 -5.75 12.32
N THR A 20 4.80 -5.52 13.33
CA THR A 20 5.28 -5.00 14.60
C THR A 20 5.53 -6.16 15.54
N THR A 21 6.38 -5.94 16.54
CA THR A 21 6.63 -6.97 17.54
C THR A 21 6.38 -6.46 18.94
N SER A 22 5.55 -5.43 19.09
CA SER A 22 5.32 -4.85 20.39
C SER A 22 3.83 -4.56 20.56
N PRO A 23 3.17 -5.13 21.57
CA PRO A 23 3.70 -6.05 22.57
C PRO A 23 3.78 -7.50 22.10
N THR A 24 3.26 -7.78 20.90
CA THR A 24 3.34 -9.12 20.34
C THR A 24 3.46 -8.97 18.83
N GLN A 25 3.94 -10.03 18.18
CA GLN A 25 4.19 -9.95 16.75
C GLN A 25 2.89 -10.12 15.95
N ARG A 26 2.67 -9.22 15.01
CA ARG A 26 1.47 -9.26 14.18
C ARG A 26 1.67 -8.38 12.96
N HIS A 27 0.91 -8.71 11.91
CA HIS A 27 0.90 -7.89 10.71
C HIS A 27 0.34 -6.51 11.04
N LEU A 28 1.08 -5.48 10.64
CA LEU A 28 0.70 -4.09 10.87
C LEU A 28 0.16 -3.42 9.62
N CYS A 29 0.84 -3.61 8.50
CA CYS A 29 0.54 -2.87 7.29
C CYS A 29 1.16 -3.59 6.11
N GLY A 30 0.65 -3.25 4.92
CA GLY A 30 1.32 -3.63 3.69
C GLY A 30 2.42 -2.64 3.34
N GLY A 31 3.18 -2.99 2.31
CA GLY A 31 4.17 -2.11 1.73
C GLY A 31 4.62 -2.68 0.41
N SER A 32 5.43 -1.88 -0.30
CA SER A 32 5.91 -2.25 -1.64
C SER A 32 7.42 -2.09 -1.73
N ILE A 33 8.09 -3.09 -2.31
CA ILE A 33 9.51 -2.97 -2.63
C ILE A 33 9.68 -2.01 -3.81
N ILE A 34 10.42 -0.93 -3.61
CA ILE A 34 10.75 -0.02 -4.71
C ILE A 34 12.25 0.12 -4.94
N GLY A 35 13.08 -0.50 -4.11
CA GLY A 35 14.54 -0.49 -4.30
C GLY A 35 15.09 -1.58 -3.42
N ASN A 36 16.38 -1.90 -3.61
CA ASN A 36 16.93 -3.05 -2.90
C ASN A 36 16.96 -2.81 -1.41
N GLN A 37 16.96 -1.55 -0.99
CA GLN A 37 16.90 -1.28 0.44
C GLN A 37 15.72 -0.39 0.82
N TRP A 38 14.65 -0.35 0.02
CA TRP A 38 13.60 0.64 0.20
C TRP A 38 12.21 0.05 0.04
N ILE A 39 11.37 0.29 1.05
CA ILE A 39 9.94 -0.06 1.05
C ILE A 39 9.15 1.24 1.07
N LEU A 40 8.14 1.34 0.21
CA LEU A 40 7.20 2.46 0.26
C LEU A 40 5.91 1.99 0.93
N THR A 41 5.45 2.75 1.93
CA THR A 41 4.26 2.37 2.68
C THR A 41 3.55 3.65 3.13
N ALA A 42 2.60 3.51 4.07
CA ALA A 42 1.79 4.64 4.52
C ALA A 42 2.32 5.17 5.85
N ALA A 43 2.32 6.49 5.99
CA ALA A 43 2.78 7.11 7.23
C ALA A 43 1.90 6.73 8.41
N HIS A 44 0.60 6.58 8.19
CA HIS A 44 -0.34 6.29 9.27
C HIS A 44 -0.02 4.98 9.97
N CYS A 45 0.66 4.07 9.28
CA CYS A 45 1.03 2.79 9.87
C CYS A 45 1.83 2.94 11.16
N PHE A 46 2.53 4.06 11.32
CA PHE A 46 3.49 4.18 12.41
C PHE A 46 2.94 4.93 13.61
N TYR A 47 1.63 5.17 13.63
CA TYR A 47 0.98 5.61 14.86
C TYR A 47 1.28 4.64 16.00
N GLY A 48 1.87 5.15 17.07
CA GLY A 48 2.16 4.29 18.21
C GLY A 48 3.33 3.35 18.04
N VAL A 49 4.08 3.45 16.95
CA VAL A 49 5.34 2.70 16.81
C VAL A 49 6.45 3.50 17.47
N GLU A 50 7.05 2.92 18.53
CA GLU A 50 7.99 3.69 19.35
C GLU A 50 9.30 3.95 18.63
N SER A 51 9.73 3.04 17.76
CA SER A 51 10.99 3.18 17.04
C SER A 51 11.05 2.12 15.97
N PRO A 52 11.99 2.20 15.03
CA PRO A 52 12.11 1.12 14.04
C PRO A 52 12.55 -0.21 14.63
N LYS A 53 13.03 -0.22 15.87
CA LYS A 53 13.58 -1.45 16.47
C LYS A 53 12.55 -2.57 16.49
N ILE A 54 11.26 -2.23 16.60
CA ILE A 54 10.23 -3.25 16.78
C ILE A 54 9.64 -3.75 15.47
N LEU A 55 10.09 -3.23 14.34
CA LEU A 55 9.54 -3.60 13.05
C LEU A 55 10.29 -4.76 12.42
N ARG A 56 9.57 -5.56 11.63
CA ARG A 56 10.16 -6.60 10.81
C ARG A 56 9.49 -6.52 9.44
N VAL A 57 10.29 -6.54 8.37
CA VAL A 57 9.75 -6.57 7.02
C VAL A 57 9.93 -7.98 6.46
N TYR A 58 8.83 -8.61 6.05
CA TYR A 58 8.86 -9.93 5.43
C TYR A 58 8.49 -9.81 3.96
N SER A 59 9.34 -10.35 3.10
CA SER A 59 9.07 -10.39 1.67
C SER A 59 8.88 -11.84 1.24
N GLY A 60 8.29 -12.01 0.06
CA GLY A 60 8.10 -13.35 -0.47
C GLY A 60 7.09 -14.18 0.28
N ILE A 61 6.16 -13.55 0.98
CA ILE A 61 5.16 -14.23 1.81
C ILE A 61 3.85 -14.30 1.03
N LEU A 62 3.29 -15.51 0.93
CA LEU A 62 1.90 -15.67 0.49
C LEU A 62 0.95 -15.79 1.67
N ASN A 63 1.18 -16.75 2.54
CA ASN A 63 0.36 -16.97 3.73
C ASN A 63 1.08 -16.43 4.96
N GLN A 64 0.35 -15.68 5.80
CA GLN A 64 0.92 -15.24 7.07
C GLN A 64 1.42 -16.40 7.92
N SER A 65 0.78 -17.56 7.80
CA SER A 65 1.17 -18.74 8.57
C SER A 65 2.54 -19.27 8.20
N GLU A 66 3.11 -18.83 7.08
CA GLU A 66 4.48 -19.19 6.71
C GLU A 66 5.52 -18.61 7.67
N ILE A 67 5.19 -17.55 8.38
CA ILE A 67 6.15 -16.81 9.18
C ILE A 67 6.30 -17.52 10.53
N LYS A 68 7.48 -18.07 10.80
CA LYS A 68 7.83 -18.73 12.05
C LYS A 68 9.07 -18.06 12.65
N GLU A 69 9.54 -18.61 13.78
CA GLU A 69 10.60 -17.94 14.52
C GLU A 69 11.94 -17.96 13.79
N ASP A 70 12.12 -18.84 12.81
CA ASP A 70 13.34 -18.87 12.02
C ASP A 70 13.15 -18.30 10.61
N THR A 71 12.00 -17.67 10.32
CA THR A 71 11.80 -17.07 9.02
C THR A 71 12.62 -15.79 8.93
N SER A 72 13.42 -15.66 7.86
CA SER A 72 14.23 -14.46 7.72
C SER A 72 13.34 -13.25 7.42
N PHE A 73 13.76 -12.11 7.96
CA PHE A 73 13.10 -10.83 7.71
C PHE A 73 14.20 -9.78 7.57
N PHE A 74 13.80 -8.60 7.13
CA PHE A 74 14.70 -7.45 7.06
C PHE A 74 14.44 -6.54 8.25
N GLY A 75 15.51 -6.15 8.94
CA GLY A 75 15.40 -5.05 9.88
C GLY A 75 15.21 -3.73 9.19
N VAL A 76 14.63 -2.79 9.93
CA VAL A 76 14.37 -1.44 9.45
C VAL A 76 15.38 -0.50 10.08
N GLN A 77 16.16 0.18 9.24
CA GLN A 77 17.19 1.12 9.68
C GLN A 77 16.60 2.49 9.98
N GLU A 78 15.60 2.91 9.20
CA GLU A 78 15.06 4.26 9.31
C GLU A 78 13.62 4.24 8.81
N ILE A 79 12.74 4.97 9.49
CA ILE A 79 11.41 5.28 8.99
C ILE A 79 11.42 6.75 8.59
N ILE A 80 11.11 7.03 7.32
CA ILE A 80 11.09 8.40 6.80
C ILE A 80 9.63 8.75 6.50
N ILE A 81 9.02 9.54 7.35
CA ILE A 81 7.63 9.97 7.17
C ILE A 81 7.64 11.35 6.56
N HIS A 82 6.75 11.58 5.60
CA HIS A 82 6.64 12.90 5.00
C HIS A 82 6.47 13.97 6.06
N ASP A 83 7.22 15.07 5.93
N ASP A 83 7.23 15.07 5.93
CA ASP A 83 7.26 16.08 6.99
CA ASP A 83 7.27 16.09 6.97
C ASP A 83 5.92 16.78 7.19
C ASP A 83 5.92 16.77 7.18
N GLN A 84 5.01 16.70 6.23
CA GLN A 84 3.72 17.36 6.33
C GLN A 84 2.60 16.42 6.76
N TYR A 85 2.91 15.14 6.99
CA TYR A 85 1.88 14.20 7.42
C TYR A 85 1.32 14.57 8.79
N LYS A 86 -0.01 14.65 8.87
CA LYS A 86 -0.74 14.83 10.12
C LYS A 86 -1.75 13.72 10.34
N MET A 87 -2.58 13.42 9.35
CA MET A 87 -3.52 12.31 9.45
C MET A 87 -3.85 11.84 8.05
N ALA A 88 -4.22 10.56 7.94
CA ALA A 88 -4.38 9.95 6.62
C ALA A 88 -5.34 10.75 5.75
N GLU A 89 -6.48 11.16 6.32
CA GLU A 89 -7.53 11.79 5.54
C GLU A 89 -7.13 13.17 5.03
N SER A 90 -6.09 13.77 5.59
N SER A 90 -6.08 13.77 5.58
CA SER A 90 -5.63 15.08 5.12
CA SER A 90 -5.63 15.08 5.14
C SER A 90 -4.35 15.00 4.30
C SER A 90 -4.50 14.99 4.12
N GLY A 91 -3.99 13.81 3.84
CA GLY A 91 -2.96 13.64 2.83
C GLY A 91 -1.57 13.44 3.40
N TYR A 92 -0.60 13.45 2.48
CA TYR A 92 0.81 13.19 2.79
C TYR A 92 1.02 11.85 3.48
N ASP A 93 0.15 10.88 3.19
CA ASP A 93 0.19 9.59 3.88
C ASP A 93 1.19 8.70 3.16
N ILE A 94 2.47 8.94 3.44
CA ILE A 94 3.52 8.26 2.70
C ILE A 94 4.75 8.18 3.59
N ALA A 95 5.41 7.02 3.55
CA ALA A 95 6.59 6.78 4.34
C ALA A 95 7.52 5.86 3.57
N LEU A 96 8.81 6.05 3.77
CA LEU A 96 9.84 5.15 3.29
C LEU A 96 10.42 4.38 4.48
N LEU A 97 10.64 3.10 4.28
CA LEU A 97 11.45 2.30 5.18
C LEU A 97 12.78 2.03 4.49
N LYS A 98 13.87 2.44 5.12
CA LYS A 98 15.20 2.03 4.69
C LYS A 98 15.55 0.76 5.43
N LEU A 99 15.84 -0.31 4.68
CA LEU A 99 16.17 -1.58 5.28
C LEU A 99 17.63 -1.63 5.72
N GLU A 100 17.91 -2.53 6.67
CA GLU A 100 19.27 -2.66 7.20
C GLU A 100 20.23 -3.32 6.22
N THR A 101 19.70 -4.02 5.21
CA THR A 101 20.54 -4.63 4.19
C THR A 101 19.76 -4.62 2.89
N THR A 102 20.43 -5.01 1.80
CA THR A 102 19.81 -4.98 0.48
C THR A 102 19.07 -6.29 0.20
N VAL A 103 17.85 -6.15 -0.32
CA VAL A 103 17.13 -7.29 -0.86
C VAL A 103 17.87 -7.77 -2.10
N ASN A 104 18.21 -9.06 -2.15
CA ASN A 104 18.55 -9.66 -3.43
C ASN A 104 17.26 -10.03 -4.13
N TYR A 105 17.04 -9.49 -5.33
CA TYR A 105 15.78 -9.76 -5.99
C TYR A 105 15.74 -11.21 -6.47
N THR A 106 14.58 -11.85 -6.27
CA THR A 106 14.34 -13.21 -6.72
C THR A 106 12.94 -13.28 -7.30
N ASP A 107 12.55 -14.47 -7.75
CA ASP A 107 11.19 -14.64 -8.27
C ASP A 107 10.13 -14.25 -7.26
N SER A 108 10.44 -14.33 -5.96
CA SER A 108 9.46 -14.03 -4.93
C SER A 108 9.56 -12.62 -4.36
N GLN A 109 10.63 -11.87 -4.65
CA GLN A 109 10.79 -10.53 -4.11
C GLN A 109 11.40 -9.65 -5.19
N ARG A 110 10.60 -8.76 -5.74
CA ARG A 110 10.92 -7.96 -6.92
C ARG A 110 10.48 -6.54 -6.68
N PRO A 111 11.14 -5.56 -7.32
CA PRO A 111 10.70 -4.17 -7.19
C PRO A 111 9.55 -3.89 -8.14
N ILE A 112 8.73 -2.91 -7.76
CA ILE A 112 7.76 -2.30 -8.66
C ILE A 112 8.25 -0.90 -9.03
N SER A 113 8.09 -0.55 -10.31
CA SER A 113 8.51 0.76 -10.79
CA SER A 113 8.51 0.76 -10.81
C SER A 113 7.59 1.87 -10.27
N LEU A 114 8.17 3.04 -10.06
CA LEU A 114 7.36 4.23 -9.79
C LEU A 114 6.69 4.65 -11.09
N PRO A 115 5.61 5.45 -11.00
CA PRO A 115 5.04 6.00 -12.24
C PRO A 115 6.11 6.76 -13.01
N SER A 116 6.18 6.52 -14.31
CA SER A 116 7.32 6.95 -15.12
C SER A 116 7.15 8.40 -15.53
N LYS A 117 8.27 9.11 -15.65
CA LYS A 117 8.22 10.49 -16.12
C LYS A 117 7.71 10.52 -17.56
N GLY A 118 6.78 11.43 -17.82
CA GLY A 118 6.11 11.47 -19.09
C GLY A 118 4.83 10.66 -19.18
N ASP A 119 4.40 10.06 -18.07
CA ASP A 119 3.19 9.23 -18.04
C ASP A 119 2.07 9.87 -17.22
N ARG A 120 2.19 11.15 -16.86
CA ARG A 120 1.25 11.74 -15.92
C ARG A 120 -0.18 11.77 -16.48
N ASN A 121 -0.33 11.82 -17.79
CA ASN A 121 -1.64 11.83 -18.43
C ASN A 121 -2.05 10.47 -18.98
N VAL A 122 -1.44 9.40 -18.48
CA VAL A 122 -1.87 8.04 -18.81
C VAL A 122 -3.16 7.73 -18.04
N ILE A 123 -4.10 7.09 -18.72
CA ILE A 123 -5.31 6.59 -18.07
C ILE A 123 -5.08 5.12 -17.73
N TYR A 124 -4.94 4.82 -16.44
CA TYR A 124 -4.71 3.46 -15.99
C TYR A 124 -6.04 2.72 -15.90
N THR A 125 -6.17 1.63 -16.65
CA THR A 125 -7.39 0.83 -16.68
C THR A 125 -7.21 -0.57 -16.12
N ASP A 126 -6.02 -0.93 -15.63
CA ASP A 126 -5.74 -2.27 -15.13
C ASP A 126 -5.07 -2.16 -13.76
N CYS A 127 -5.88 -1.81 -12.75
CA CYS A 127 -5.37 -1.51 -11.41
C CYS A 127 -5.89 -2.49 -10.38
N TRP A 128 -5.01 -2.87 -9.46
CA TRP A 128 -5.26 -3.92 -8.50
C TRP A 128 -4.83 -3.49 -7.13
N VAL A 129 -5.62 -3.85 -6.12
N VAL A 129 -5.65 -3.81 -6.13
CA VAL A 129 -5.27 -3.62 -4.73
CA VAL A 129 -5.30 -3.66 -4.73
C VAL A 129 -5.12 -4.97 -4.05
C VAL A 129 -4.99 -5.03 -4.19
N THR A 130 -4.08 -5.09 -3.22
CA THR A 130 -3.68 -6.38 -2.65
C THR A 130 -3.39 -6.22 -1.15
N GLY A 131 -3.62 -7.29 -0.41
CA GLY A 131 -3.32 -7.22 1.02
C GLY A 131 -3.91 -8.37 1.80
N TRP A 132 -3.52 -8.41 3.08
CA TRP A 132 -4.01 -9.39 4.03
C TRP A 132 -5.12 -8.84 4.92
N GLY A 133 -5.74 -7.73 4.53
CA GLY A 133 -6.71 -7.08 5.40
C GLY A 133 -8.05 -7.80 5.47
N TYR A 134 -8.94 -7.20 6.27
CA TYR A 134 -10.29 -7.69 6.46
C TYR A 134 -11.02 -7.90 5.14
N ARG A 135 -11.88 -8.91 5.10
CA ARG A 135 -12.79 -9.10 3.97
C ARG A 135 -14.11 -8.37 4.14
N LYS A 136 -14.32 -7.75 5.30
CA LYS A 136 -15.50 -6.97 5.65
C LYS A 136 -15.15 -6.18 6.89
N LEU A 137 -16.01 -5.20 7.23
CA LEU A 137 -15.64 -4.19 8.22
C LEU A 137 -15.26 -4.81 9.56
N ARG A 138 -16.01 -5.82 10.02
CA ARG A 138 -15.67 -6.54 11.26
C ARG A 138 -15.32 -7.96 10.83
N ASP A 139 -14.02 -8.20 10.65
CA ASP A 139 -13.53 -9.47 10.16
C ASP A 139 -12.23 -9.77 10.91
N LYS A 140 -11.21 -10.22 10.19
CA LYS A 140 -9.92 -10.54 10.80
C LYS A 140 -8.88 -10.48 9.70
N ILE A 141 -7.61 -10.39 10.11
CA ILE A 141 -6.54 -10.43 9.14
C ILE A 141 -6.55 -11.80 8.45
N GLN A 142 -6.38 -11.80 7.14
CA GLN A 142 -6.45 -13.00 6.32
C GLN A 142 -5.10 -13.70 6.26
N ASN A 143 -5.14 -15.03 6.13
CA ASN A 143 -3.90 -15.78 6.01
C ASN A 143 -3.29 -15.58 4.63
N THR A 144 -4.09 -15.75 3.57
CA THR A 144 -3.60 -15.71 2.20
C THR A 144 -3.78 -14.31 1.62
N LEU A 145 -2.70 -13.79 1.03
CA LEU A 145 -2.76 -12.51 0.32
C LEU A 145 -3.91 -12.48 -0.68
N GLN A 146 -4.73 -11.44 -0.61
CA GLN A 146 -5.90 -11.28 -1.48
C GLN A 146 -5.64 -10.19 -2.50
N LYS A 147 -6.38 -10.27 -3.63
CA LYS A 147 -6.30 -9.31 -4.71
C LYS A 147 -7.70 -8.93 -5.18
N ALA A 148 -7.83 -7.69 -5.66
CA ALA A 148 -9.07 -7.25 -6.29
C ALA A 148 -8.74 -6.21 -7.35
N LYS A 149 -9.39 -6.32 -8.50
CA LYS A 149 -9.29 -5.31 -9.55
C LYS A 149 -10.31 -4.22 -9.26
N ILE A 150 -9.85 -2.96 -9.28
CA ILE A 150 -10.69 -1.84 -8.89
CA ILE A 150 -10.70 -1.84 -8.91
C ILE A 150 -10.47 -0.68 -9.87
N PRO A 151 -11.53 -0.02 -10.33
CA PRO A 151 -11.35 1.09 -11.29
C PRO A 151 -11.03 2.40 -10.60
N LEU A 152 -10.19 3.20 -11.27
CA LEU A 152 -9.92 4.54 -10.77
C LEU A 152 -11.12 5.45 -10.98
N VAL A 153 -11.27 6.40 -10.07
CA VAL A 153 -12.35 7.37 -10.06
C VAL A 153 -11.74 8.75 -10.25
N THR A 154 -12.43 9.64 -10.95
CA THR A 154 -11.88 10.98 -11.09
C THR A 154 -11.88 11.70 -9.75
N ASN A 155 -10.95 12.65 -9.61
CA ASN A 155 -10.90 13.40 -8.36
C ASN A 155 -12.17 14.23 -8.18
N GLU A 156 -12.80 14.66 -9.28
CA GLU A 156 -14.05 15.40 -9.17
C GLU A 156 -15.15 14.52 -8.56
N GLU A 157 -15.30 13.29 -9.05
CA GLU A 157 -16.29 12.39 -8.48
C GLU A 157 -15.96 12.06 -7.03
N CYS A 158 -14.69 11.78 -6.76
CA CYS A 158 -14.28 11.43 -5.40
C CYS A 158 -14.58 12.56 -4.42
N GLN A 159 -14.34 13.81 -4.83
CA GLN A 159 -14.64 14.92 -3.93
C GLN A 159 -16.13 15.00 -3.63
N LYS A 160 -16.97 14.69 -4.62
CA LYS A 160 -18.42 14.71 -4.41
C LYS A 160 -18.85 13.65 -3.40
N ARG A 161 -18.10 12.55 -3.28
CA ARG A 161 -18.43 11.51 -2.31
C ARG A 161 -17.91 11.82 -0.92
N TYR A 162 -16.97 12.75 -0.81
CA TYR A 162 -16.27 13.03 0.44
C TYR A 162 -16.26 14.54 0.70
N ARG A 163 -17.45 15.13 0.79
CA ARG A 163 -17.56 16.57 0.86
C ARG A 163 -17.05 17.13 2.18
N GLY A 164 -16.79 16.25 3.15
CA GLY A 164 -16.19 16.69 4.40
C GLY A 164 -14.69 16.65 4.43
N HIS A 165 -14.05 16.22 3.35
CA HIS A 165 -12.61 16.14 3.26
C HIS A 165 -12.13 16.94 2.07
N LYS A 166 -10.83 17.24 2.06
CA LYS A 166 -10.21 17.92 0.94
C LYS A 166 -9.53 16.86 0.09
N ILE A 167 -10.17 16.46 -1.01
CA ILE A 167 -9.56 15.54 -1.95
C ILE A 167 -8.67 16.37 -2.87
N THR A 168 -7.37 16.14 -2.81
CA THR A 168 -6.42 16.94 -3.56
C THR A 168 -5.83 16.13 -4.70
N HIS A 169 -5.05 16.82 -5.54
CA HIS A 169 -4.34 16.15 -6.61
C HIS A 169 -3.29 15.17 -6.08
N LYS A 170 -2.97 15.20 -4.79
CA LYS A 170 -2.04 14.21 -4.26
C LYS A 170 -2.73 12.97 -3.74
N MET A 171 -4.04 12.84 -3.98
CA MET A 171 -4.80 11.65 -3.71
C MET A 171 -5.35 11.09 -5.01
N ILE A 172 -5.57 9.78 -5.03
CA ILE A 172 -6.27 9.11 -6.13
C ILE A 172 -7.27 8.16 -5.51
N CYS A 173 -8.47 8.12 -6.07
CA CYS A 173 -9.56 7.32 -5.55
C CYS A 173 -9.88 6.18 -6.48
N ALA A 174 -10.38 5.08 -5.91
CA ALA A 174 -10.64 3.87 -6.67
C ALA A 174 -11.80 3.12 -6.04
N GLY A 175 -12.72 2.64 -6.85
CA GLY A 175 -13.87 1.93 -6.34
C GLY A 175 -14.99 1.87 -7.36
N TYR A 176 -15.90 0.93 -7.12
CA TYR A 176 -17.11 0.78 -7.94
C TYR A 176 -18.24 1.61 -7.36
N ARG A 177 -19.06 2.19 -8.23
CA ARG A 177 -20.17 3.00 -7.75
C ARG A 177 -21.07 2.18 -6.83
N GLU A 178 -21.28 0.91 -7.15
CA GLU A 178 -22.14 0.04 -6.36
C GLU A 178 -21.42 -0.58 -5.16
N GLY A 179 -20.13 -0.29 -4.96
CA GLY A 179 -19.34 -0.89 -3.90
C GLY A 179 -19.03 -2.35 -4.20
N GLY A 180 -18.56 -3.05 -3.17
CA GLY A 180 -18.38 -4.49 -3.23
C GLY A 180 -16.93 -4.94 -3.29
N LYS A 181 -16.02 -4.09 -3.75
CA LYS A 181 -14.60 -4.40 -3.81
C LYS A 181 -13.81 -3.18 -3.35
N ASP A 182 -12.88 -3.38 -2.43
CA ASP A 182 -12.20 -2.26 -1.79
C ASP A 182 -11.12 -2.82 -0.88
N ALA A 183 -10.20 -1.95 -0.49
CA ALA A 183 -9.34 -2.23 0.65
C ALA A 183 -10.14 -2.19 1.94
N CYS A 184 -9.58 -2.80 2.99
CA CYS A 184 -10.19 -2.71 4.31
C CYS A 184 -9.09 -2.80 5.36
N LYS A 185 -9.47 -2.93 6.63
CA LYS A 185 -8.53 -2.86 7.73
C LYS A 185 -7.41 -3.88 7.57
N GLY A 186 -6.16 -3.39 7.57
CA GLY A 186 -5.01 -4.25 7.40
C GLY A 186 -4.39 -4.18 6.01
N ASP A 187 -5.07 -3.54 5.07
CA ASP A 187 -4.51 -3.37 3.73
C ASP A 187 -3.71 -2.09 3.58
N SER A 188 -3.86 -1.14 4.50
CA SER A 188 -3.21 0.15 4.29
C SER A 188 -1.70 0.00 4.23
N GLY A 189 -1.08 0.92 3.51
CA GLY A 189 0.33 0.86 3.23
C GLY A 189 0.68 0.03 2.02
N GLY A 190 -0.19 -0.90 1.62
CA GLY A 190 0.09 -1.72 0.46
C GLY A 190 -0.13 -0.96 -0.83
N PRO A 191 0.15 -1.65 -1.93
CA PRO A 191 0.12 -1.04 -3.25
C PRO A 191 -1.26 -1.02 -3.89
N LEU A 192 -1.51 0.06 -4.62
CA LEU A 192 -2.43 0.09 -5.76
C LEU A 192 -1.54 -0.02 -6.99
N SER A 193 -1.52 -1.19 -7.62
CA SER A 193 -0.61 -1.51 -8.71
C SER A 193 -1.37 -1.47 -10.03
N CYS A 194 -0.86 -0.72 -11.01
CA CYS A 194 -1.50 -0.65 -12.32
C CYS A 194 -0.53 -1.10 -13.39
N LYS A 195 -0.99 -1.95 -14.30
CA LYS A 195 -0.17 -2.45 -15.39
C LYS A 195 -0.43 -1.61 -16.64
N HIS A 196 0.65 -1.12 -17.25
CA HIS A 196 0.56 -0.30 -18.45
C HIS A 196 1.68 -0.74 -19.39
N ASN A 197 1.33 -1.13 -20.61
CA ASN A 197 2.30 -1.66 -21.55
C ASN A 197 3.07 -2.84 -20.94
N GLU A 198 2.34 -3.67 -20.17
CA GLU A 198 2.83 -4.89 -19.54
C GLU A 198 3.91 -4.64 -18.49
N VAL A 199 3.99 -3.42 -17.99
CA VAL A 199 4.89 -3.05 -16.89
C VAL A 199 4.03 -2.57 -15.72
N TRP A 200 4.31 -3.09 -14.53
CA TRP A 200 3.57 -2.66 -13.35
C TRP A 200 4.14 -1.36 -12.79
N HIS A 201 3.24 -0.48 -12.36
CA HIS A 201 3.63 0.78 -11.74
C HIS A 201 2.90 0.94 -10.42
N LEU A 202 3.60 1.49 -9.43
CA LEU A 202 3.05 1.74 -8.11
C LEU A 202 2.30 3.08 -8.18
N VAL A 203 1.01 3.01 -8.49
CA VAL A 203 0.23 4.23 -8.70
C VAL A 203 -0.30 4.80 -7.40
N GLY A 204 -0.67 3.94 -6.46
CA GLY A 204 -1.25 4.40 -5.21
C GLY A 204 -0.69 3.65 -4.01
N ILE A 205 -0.85 4.27 -2.85
CA ILE A 205 -0.63 3.61 -1.56
C ILE A 205 -1.95 3.61 -0.82
N THR A 206 -2.41 2.42 -0.43
CA THR A 206 -3.68 2.26 0.27
C THR A 206 -3.74 3.09 1.55
N SER A 207 -4.72 4.00 1.66
CA SER A 207 -4.68 5.01 2.70
C SER A 207 -5.93 5.06 3.59
N TRP A 208 -7.10 5.37 3.05
CA TRP A 208 -8.28 5.51 3.91
C TRP A 208 -9.56 5.44 3.09
N GLY A 209 -10.68 5.35 3.79
CA GLY A 209 -11.99 5.39 3.15
C GLY A 209 -13.06 5.32 4.22
N GLU A 210 -14.28 5.66 3.81
CA GLU A 210 -15.45 5.62 4.71
C GLU A 210 -16.03 4.22 4.67
N GLY A 211 -15.80 3.44 5.73
CA GLY A 211 -16.17 2.03 5.67
C GLY A 211 -15.29 1.27 4.69
N CYS A 212 -15.78 0.08 4.32
CA CYS A 212 -15.08 -0.78 3.36
C CYS A 212 -16.05 -1.20 2.27
N ALA A 213 -15.73 -0.84 1.03
CA ALA A 213 -16.49 -1.28 -0.15
C ALA A 213 -17.94 -0.84 -0.12
N GLN A 214 -18.21 0.29 0.53
CA GLN A 214 -19.57 0.81 0.55
C GLN A 214 -19.91 1.49 -0.78
N ARG A 215 -21.20 1.49 -1.09
CA ARG A 215 -21.66 2.13 -2.31
C ARG A 215 -21.30 3.61 -2.29
N GLU A 216 -20.76 4.10 -3.41
CA GLU A 216 -20.47 5.53 -3.61
C GLU A 216 -19.47 6.08 -2.60
N ARG A 217 -18.58 5.24 -2.07
CA ARG A 217 -17.53 5.68 -1.15
C ARG A 217 -16.24 4.98 -1.55
N PRO A 218 -15.53 5.53 -2.53
CA PRO A 218 -14.32 4.87 -3.01
C PRO A 218 -13.23 4.88 -1.97
N GLY A 219 -12.32 3.91 -2.10
CA GLY A 219 -11.09 3.98 -1.34
C GLY A 219 -10.21 5.12 -1.82
N VAL A 220 -9.46 5.70 -0.89
CA VAL A 220 -8.56 6.81 -1.17
C VAL A 220 -7.13 6.35 -0.97
N TYR A 221 -6.27 6.69 -1.94
CA TYR A 221 -4.90 6.22 -2.04
C TYR A 221 -3.98 7.43 -2.18
N THR A 222 -2.79 7.34 -1.61
CA THR A 222 -1.78 8.36 -1.88
C THR A 222 -1.38 8.26 -3.35
N ASN A 223 -1.40 9.41 -4.05
CA ASN A 223 -1.10 9.48 -5.49
C ASN A 223 0.42 9.52 -5.67
N VAL A 224 1.02 8.34 -5.89
CA VAL A 224 2.48 8.23 -5.81
C VAL A 224 3.20 9.12 -6.82
N VAL A 225 2.62 9.35 -8.00
CA VAL A 225 3.33 10.16 -9.00
C VAL A 225 3.63 11.55 -8.48
N GLU A 226 2.78 12.08 -7.58
CA GLU A 226 2.98 13.41 -7.04
C GLU A 226 4.06 13.44 -5.94
N TYR A 227 4.60 12.28 -5.57
CA TYR A 227 5.65 12.19 -4.56
C TYR A 227 6.97 11.66 -5.12
N VAL A 228 7.08 11.50 -6.45
CA VAL A 228 8.29 10.92 -7.01
C VAL A 228 9.51 11.77 -6.66
N ASP A 229 9.38 13.09 -6.76
CA ASP A 229 10.52 13.96 -6.42
C ASP A 229 10.93 13.78 -4.96
N TRP A 230 9.95 13.65 -4.06
CA TRP A 230 10.24 13.42 -2.66
C TRP A 230 10.91 12.06 -2.44
N ILE A 231 10.40 11.02 -3.10
CA ILE A 231 11.01 9.69 -3.00
C ILE A 231 12.46 9.73 -3.49
N LEU A 232 12.68 10.35 -4.65
CA LEU A 232 14.02 10.37 -5.21
C LEU A 232 14.97 11.16 -4.32
N GLU A 233 14.49 12.26 -3.73
CA GLU A 233 15.33 13.03 -2.83
C GLU A 233 15.74 12.20 -1.62
N LYS A 234 14.81 11.43 -1.07
CA LYS A 234 15.12 10.67 0.15
C LYS A 234 15.98 9.46 -0.15
N THR A 235 15.73 8.77 -1.27
CA THR A 235 16.50 7.57 -1.58
C THR A 235 17.86 7.89 -2.19
N GLN A 236 18.14 9.16 -2.45
CA GLN A 236 19.47 9.56 -2.90
C GLN A 236 20.14 10.47 -1.87
#